data_4CSV
#
_entry.id   4CSV
#
_cell.length_a   71.029
_cell.length_b   56.869
_cell.length_c   76.118
_cell.angle_alpha   90.00
_cell.angle_beta   116.62
_cell.angle_gamma   90.00
#
_symmetry.space_group_name_H-M   'I 1 2 1'
#
loop_
_entity.id
_entity.type
_entity.pdbx_description
1 polymer 'SRC-ABL TYROSINE KINASE ANCESTOR'
2 non-polymer 4-(4-METHYL-PIPERAZIN-1-YLMETHYL)-N-[4-METHYL-3-(4-PYRIDIN-3-YL-PYRIMIDIN-2-YLAMINO)-PHENYL]-BENZAMIDE
3 water water
#
_entity_poly.entity_id   1
_entity_poly.type   'polypeptide(L)'
_entity_poly.pdbx_seq_one_letter_code
;GPHDKWEIPRSEITLERKLGSGQFGEVYEGKWRNYNIEVAVKTLKEGTMSVEEFLQEAQIMKKLKHPNLVQLYGVCTKEP
PIYIITEYMSHGSLLDYLRDCEGHTVNAQALLDMAAQVASGMAYLESQNFIHRDLAARNCLVGENNVVKVADFGLARLIN
EDEYTARAGAKFPIKWTAPEAISYNRFSIKSDVWAFGILLWEIFTYGQVPYPGMSGSEVIEQVERGYRMPRPQGCPEEIY
ELMLQCWNKSPEERPTFAETLHALETMFLPETGGG
;
_entity_poly.pdbx_strand_id   A
#
loop_
_chem_comp.id
_chem_comp.type
_chem_comp.name
_chem_comp.formula
STI non-polymer 4-(4-METHYL-PIPERAZIN-1-YLMETHYL)-N-[4-METHYL-3-(4-PYRIDIN-3-YL-PYRIMIDIN-2-YLAMINO)-PHENYL]-BENZAMIDE 'C29 H31 N7 O'
#
# COMPACT_ATOMS: atom_id res chain seq x y z
N LYS A 5 -26.94 4.48 0.97
CA LYS A 5 -26.56 4.15 -0.46
C LYS A 5 -25.47 3.08 -0.54
N TRP A 6 -24.57 3.11 0.44
CA TRP A 6 -23.53 2.10 0.57
C TRP A 6 -23.86 1.07 1.65
N GLU A 7 -25.04 1.17 2.29
CA GLU A 7 -25.44 0.18 3.28
C GLU A 7 -25.75 -1.13 2.57
N ILE A 8 -25.20 -2.21 3.13
CA ILE A 8 -25.45 -3.56 2.69
C ILE A 8 -26.18 -4.22 3.86
N PRO A 9 -27.29 -4.93 3.59
CA PRO A 9 -27.89 -5.68 4.71
C PRO A 9 -26.94 -6.78 5.24
N ARG A 10 -26.84 -6.92 6.57
CA ARG A 10 -25.85 -7.77 7.22
C ARG A 10 -25.98 -9.25 6.88
N SER A 11 -27.21 -9.71 6.67
CA SER A 11 -27.49 -11.10 6.31
C SER A 11 -26.90 -11.51 4.94
N GLU A 12 -26.63 -10.54 4.07
CA GLU A 12 -25.99 -10.82 2.78
C GLU A 12 -24.52 -11.27 2.88
N ILE A 13 -23.92 -11.04 4.03
CA ILE A 13 -22.48 -11.28 4.24
C ILE A 13 -22.23 -12.45 5.19
N THR A 14 -21.43 -13.41 4.75
CA THR A 14 -21.08 -14.58 5.53
C THR A 14 -19.55 -14.61 5.73
N LEU A 15 -19.13 -14.56 6.99
CA LEU A 15 -17.70 -14.60 7.35
C LEU A 15 -17.15 -16.01 7.23
N GLU A 16 -15.92 -16.14 6.75
CA GLU A 16 -15.34 -17.45 6.45
C GLU A 16 -13.95 -17.67 7.05
N ARG A 17 -13.17 -16.61 7.23
CA ARG A 17 -11.81 -16.78 7.74
C ARG A 17 -11.30 -15.50 8.35
N LYS A 18 -10.58 -15.61 9.44
CA LYS A 18 -9.91 -14.47 10.02
C LYS A 18 -8.70 -14.21 9.15
N LEU A 19 -8.53 -12.98 8.70
CA LEU A 19 -7.39 -12.66 7.86
C LEU A 19 -6.28 -12.04 8.72
N GLY A 20 -6.67 -11.11 9.57
CA GLY A 20 -5.74 -10.42 10.44
C GLY A 20 -6.53 -9.67 11.49
N SER A 21 -5.81 -9.22 12.51
CA SER A 21 -6.41 -8.64 13.72
C SER A 21 -5.66 -7.39 14.19
N GLY A 22 -6.16 -6.76 15.26
CA GLY A 22 -5.54 -5.56 15.76
C GLY A 22 -6.23 -5.04 16.98
N GLN A 23 -6.10 -3.73 17.20
CA GLN A 23 -6.60 -3.09 18.41
C GLN A 23 -7.91 -2.32 18.17
N PHE A 24 -8.11 -1.78 16.97
CA PHE A 24 -9.40 -1.14 16.57
C PHE A 24 -10.45 -2.10 15.98
N GLY A 25 -10.02 -3.32 15.64
CA GLY A 25 -10.89 -4.36 15.08
C GLY A 25 -10.12 -5.42 14.30
N GLU A 26 -10.82 -6.22 13.49
CA GLU A 26 -10.18 -7.30 12.74
C GLU A 26 -10.68 -7.32 11.31
N VAL A 27 -10.05 -8.17 10.51
CA VAL A 27 -10.41 -8.32 9.12
C VAL A 27 -10.60 -9.81 8.81
N TYR A 28 -11.68 -10.09 8.08
CA TYR A 28 -12.07 -11.43 7.66
C TYR A 28 -12.28 -11.52 6.17
N GLU A 29 -12.11 -12.72 5.62
CA GLU A 29 -12.65 -13.01 4.31
C GLU A 29 -14.06 -13.53 4.45
N GLY A 30 -14.94 -13.06 3.59
CA GLY A 30 -16.35 -13.38 3.69
C GLY A 30 -16.88 -13.64 2.29
N LYS A 31 -18.17 -13.89 2.20
CA LYS A 31 -18.85 -14.13 0.92
C LYS A 31 -20.03 -13.21 0.84
N TRP A 32 -20.27 -12.65 -0.33
CA TRP A 32 -21.37 -11.74 -0.56
C TRP A 32 -22.31 -12.56 -1.40
N ARG A 33 -23.48 -12.84 -0.83
CA ARG A 33 -24.31 -13.94 -1.32
C ARG A 33 -25.02 -13.58 -2.63
N ASN A 34 -25.55 -12.36 -2.67
CA ASN A 34 -26.02 -11.72 -3.90
C ASN A 34 -25.07 -11.97 -5.10
N TYR A 35 -23.92 -11.32 -5.10
CA TYR A 35 -22.98 -11.36 -6.21
C TYR A 35 -22.21 -12.68 -6.36
N ASN A 36 -22.39 -13.62 -5.43
CA ASN A 36 -21.59 -14.83 -5.34
C ASN A 36 -20.08 -14.52 -5.43
N ILE A 37 -19.63 -13.59 -4.58
CA ILE A 37 -18.27 -13.06 -4.65
C ILE A 37 -17.66 -13.04 -3.24
N GLU A 38 -16.32 -13.16 -3.19
CA GLU A 38 -15.56 -13.04 -1.96
C GLU A 38 -15.33 -11.58 -1.60
N VAL A 39 -15.33 -11.30 -0.31
CA VAL A 39 -15.09 -9.95 0.17
C VAL A 39 -14.13 -9.98 1.33
N ALA A 40 -13.55 -8.82 1.61
CA ALA A 40 -12.82 -8.57 2.86
C ALA A 40 -13.67 -7.68 3.72
N VAL A 41 -13.65 -7.94 5.02
CA VAL A 41 -14.55 -7.31 5.94
C VAL A 41 -13.76 -6.80 7.12
N LYS A 42 -13.80 -5.49 7.31
CA LYS A 42 -13.12 -4.87 8.42
C LYS A 42 -14.13 -4.47 9.48
N THR A 43 -13.79 -4.78 10.72
CA THR A 43 -14.69 -4.69 11.84
C THR A 43 -14.23 -3.64 12.85
N LEU A 44 -15.20 -2.99 13.48
CA LEU A 44 -14.91 -2.09 14.59
C LEU A 44 -15.05 -2.85 15.90
N LYS A 45 -13.97 -2.93 16.66
CA LYS A 45 -14.04 -3.34 18.07
C LYS A 45 -14.64 -2.19 18.87
N GLU A 46 -15.79 -2.44 19.49
CA GLU A 46 -16.61 -1.40 20.13
C GLU A 46 -15.86 -0.75 21.27
N GLY A 47 -15.83 0.58 21.27
CA GLY A 47 -15.19 1.34 22.36
C GLY A 47 -13.71 1.59 22.19
N THR A 48 -13.10 1.01 21.16
CA THR A 48 -11.72 1.35 20.80
C THR A 48 -11.66 2.69 20.08
N MET A 49 -12.79 3.13 19.52
CA MET A 49 -12.93 4.45 18.92
C MET A 49 -14.40 4.68 18.59
N SER A 50 -14.76 5.90 18.19
CA SER A 50 -16.12 6.19 17.78
C SER A 50 -16.49 5.52 16.46
N VAL A 51 -17.77 5.20 16.32
CA VAL A 51 -18.36 4.75 15.07
C VAL A 51 -18.16 5.80 13.98
N GLU A 52 -18.29 7.07 14.35
CA GLU A 52 -18.17 8.16 13.38
C GLU A 52 -16.77 8.19 12.78
N GLU A 53 -15.76 8.08 13.62
CA GLU A 53 -14.39 8.11 13.16
C GLU A 53 -14.00 6.84 12.38
N PHE A 54 -14.47 5.66 12.82
CA PHE A 54 -14.32 4.42 12.05
C PHE A 54 -14.81 4.58 10.61
N LEU A 55 -15.98 5.20 10.45
CA LEU A 55 -16.61 5.34 9.15
C LEU A 55 -16.03 6.46 8.31
N GLN A 56 -15.18 7.31 8.89
CA GLN A 56 -14.48 8.33 8.10
C GLN A 56 -13.55 7.68 7.09
N GLU A 57 -13.05 6.49 7.40
CA GLU A 57 -12.32 5.69 6.40
C GLU A 57 -13.19 5.37 5.16
N ALA A 58 -14.42 4.92 5.40
CA ALA A 58 -15.35 4.66 4.31
C ALA A 58 -15.71 5.95 3.56
N GLN A 59 -15.87 7.07 4.27
CA GLN A 59 -16.17 8.36 3.63
C GLN A 59 -15.12 8.76 2.57
N ILE A 60 -13.86 8.73 2.95
CA ILE A 60 -12.74 8.95 2.01
C ILE A 60 -12.85 8.03 0.79
N MET A 61 -13.00 6.74 1.06
CA MET A 61 -13.08 5.69 0.03
C MET A 61 -14.22 5.85 -0.99
N LYS A 62 -15.31 6.48 -0.58
CA LYS A 62 -16.40 6.79 -1.50
C LYS A 62 -16.00 7.82 -2.55
N LYS A 63 -14.93 8.59 -2.31
CA LYS A 63 -14.46 9.61 -3.26
C LYS A 63 -13.45 9.10 -4.28
N LEU A 64 -13.03 7.85 -4.18
CA LEU A 64 -11.89 7.34 -4.91
C LEU A 64 -12.30 6.17 -5.78
N LYS A 65 -11.93 6.20 -7.05
CA LYS A 65 -12.24 5.12 -7.95
C LYS A 65 -11.13 4.97 -8.97
N HIS A 66 -10.41 3.85 -8.90
CA HIS A 66 -9.27 3.62 -9.77
C HIS A 66 -8.95 2.12 -9.80
N PRO A 67 -8.50 1.56 -10.97
CA PRO A 67 -8.20 0.12 -11.08
C PRO A 67 -7.13 -0.43 -10.14
N ASN A 68 -6.24 0.44 -9.70
CA ASN A 68 -5.19 0.06 -8.76
C ASN A 68 -5.37 0.60 -7.34
N LEU A 69 -6.62 0.87 -6.94
CA LEU A 69 -6.97 1.14 -5.54
C LEU A 69 -8.05 0.15 -5.15
N VAL A 70 -7.95 -0.40 -3.95
CA VAL A 70 -8.99 -1.29 -3.40
C VAL A 70 -10.37 -0.62 -3.44
N GLN A 71 -11.32 -1.29 -4.06
CA GLN A 71 -12.67 -0.79 -4.20
C GLN A 71 -13.51 -1.08 -2.95
N LEU A 72 -14.07 -0.02 -2.36
CA LEU A 72 -15.11 -0.13 -1.34
C LEU A 72 -16.34 -0.75 -1.97
N TYR A 73 -17.00 -1.65 -1.25
CA TYR A 73 -18.29 -2.21 -1.68
C TYR A 73 -19.45 -1.69 -0.84
N GLY A 74 -19.23 -1.53 0.45
CA GLY A 74 -20.22 -0.88 1.30
C GLY A 74 -19.94 -1.02 2.77
N VAL A 75 -20.95 -0.70 3.56
CA VAL A 75 -20.85 -0.72 5.03
C VAL A 75 -22.06 -1.43 5.69
N CYS A 76 -21.87 -1.98 6.89
CA CYS A 76 -22.98 -2.45 7.71
C CYS A 76 -22.89 -1.62 8.97
N THR A 77 -23.82 -0.67 9.11
CA THR A 77 -23.76 0.32 10.19
C THR A 77 -25.02 0.43 11.06
N LYS A 78 -26.02 -0.43 10.85
CA LYS A 78 -27.26 -0.34 11.62
C LYS A 78 -27.12 -0.77 13.07
N GLU A 79 -26.23 -1.69 13.36
CA GLU A 79 -25.90 -1.99 14.74
C GLU A 79 -24.46 -2.52 14.81
N PRO A 80 -23.93 -2.67 16.04
CA PRO A 80 -22.63 -3.29 16.16
C PRO A 80 -22.70 -4.73 15.71
N PRO A 81 -21.55 -5.30 15.28
CA PRO A 81 -20.26 -4.65 15.03
C PRO A 81 -20.23 -3.94 13.67
N ILE A 82 -19.78 -2.70 13.62
CA ILE A 82 -19.78 -1.95 12.36
C ILE A 82 -18.80 -2.59 11.37
N TYR A 83 -19.19 -2.63 10.09
CA TYR A 83 -18.40 -3.25 9.01
C TYR A 83 -18.11 -2.25 7.93
N ILE A 84 -16.89 -2.33 7.40
CA ILE A 84 -16.51 -1.77 6.10
C ILE A 84 -16.07 -2.96 5.21
N ILE A 85 -16.66 -3.04 4.02
CA ILE A 85 -16.53 -4.18 3.12
C ILE A 85 -15.86 -3.74 1.80
N THR A 86 -14.85 -4.49 1.34
CA THR A 86 -14.19 -4.18 0.08
C THR A 86 -14.07 -5.47 -0.71
N GLU A 87 -13.62 -5.37 -1.96
CA GLU A 87 -13.22 -6.55 -2.71
C GLU A 87 -12.13 -7.34 -1.98
N TYR A 88 -12.07 -8.63 -2.30
CA TYR A 88 -11.08 -9.55 -1.80
C TYR A 88 -10.09 -9.84 -2.92
N MET A 89 -8.80 -9.89 -2.60
CA MET A 89 -7.76 -10.11 -3.61
C MET A 89 -7.16 -11.50 -3.44
N SER A 90 -7.39 -12.36 -4.43
CA SER A 90 -7.14 -13.80 -4.32
C SER A 90 -5.73 -14.17 -3.94
N HIS A 91 -4.74 -13.36 -4.29
CA HIS A 91 -3.37 -13.71 -3.98
C HIS A 91 -2.77 -12.96 -2.79
N GLY A 92 -3.59 -12.24 -2.03
CA GLY A 92 -3.14 -11.62 -0.78
C GLY A 92 -2.16 -10.46 -0.96
N SER A 93 -1.29 -10.26 0.02
CA SER A 93 -0.40 -9.10 0.01
C SER A 93 0.73 -9.29 -0.98
N LEU A 94 1.10 -8.20 -1.60
CA LEU A 94 2.21 -8.21 -2.50
C LEU A 94 3.44 -8.82 -1.86
N LEU A 95 3.71 -8.43 -0.62
CA LEU A 95 4.87 -8.91 0.08
C LEU A 95 4.89 -10.44 0.18
N ASP A 96 3.75 -11.02 0.57
CA ASP A 96 3.67 -12.49 0.68
C ASP A 96 3.77 -13.18 -0.65
N TYR A 97 3.23 -12.54 -1.68
CA TYR A 97 3.27 -13.04 -3.04
C TYR A 97 4.69 -12.98 -3.64
N LEU A 98 5.39 -11.87 -3.47
CA LEU A 98 6.81 -11.80 -3.84
C LEU A 98 7.65 -12.86 -3.12
N ARG A 99 7.34 -13.13 -1.85
CA ARG A 99 8.14 -14.07 -1.07
C ARG A 99 8.05 -15.55 -1.48
N ASP A 100 7.33 -15.86 -2.56
CA ASP A 100 7.35 -17.20 -3.19
C ASP A 100 8.14 -17.28 -4.51
N CYS A 101 8.72 -16.16 -4.95
CA CYS A 101 9.56 -16.08 -6.17
C CYS A 101 8.82 -16.51 -7.42
N VAL A 106 8.95 -15.55 -12.06
CA VAL A 106 8.53 -14.24 -12.55
C VAL A 106 9.68 -13.63 -13.35
N ASN A 107 9.38 -12.56 -14.08
CA ASN A 107 10.34 -11.87 -14.95
C ASN A 107 10.40 -10.38 -14.62
N ALA A 108 11.53 -9.74 -14.92
CA ALA A 108 11.72 -8.32 -14.54
C ALA A 108 10.68 -7.39 -15.17
N GLN A 109 10.18 -7.79 -16.34
CA GLN A 109 9.05 -7.11 -16.97
C GLN A 109 7.74 -7.23 -16.15
N ALA A 110 7.53 -8.38 -15.52
CA ALA A 110 6.35 -8.58 -14.66
C ALA A 110 6.48 -7.84 -13.32
N LEU A 111 7.71 -7.77 -12.83
CA LEU A 111 8.03 -6.99 -11.64
C LEU A 111 7.86 -5.54 -11.95
N LEU A 112 8.31 -5.10 -13.13
CA LEU A 112 8.05 -3.73 -13.56
C LEU A 112 6.55 -3.41 -13.63
N ASP A 113 5.77 -4.27 -14.28
CA ASP A 113 4.30 -4.11 -14.37
C ASP A 113 3.62 -3.85 -13.03
N MET A 114 3.98 -4.67 -12.05
CA MET A 114 3.50 -4.50 -10.69
C MET A 114 3.86 -3.15 -10.10
N ALA A 115 5.10 -2.70 -10.30
CA ALA A 115 5.51 -1.38 -9.80
C ALA A 115 4.69 -0.26 -10.45
N ALA A 116 4.43 -0.37 -11.76
CA ALA A 116 3.68 0.65 -12.51
C ALA A 116 2.26 0.83 -12.00
N GLN A 117 1.66 -0.29 -11.63
CA GLN A 117 0.31 -0.31 -11.11
C GLN A 117 0.21 0.41 -9.77
N VAL A 118 1.22 0.23 -8.94
CA VAL A 118 1.25 0.94 -7.67
C VAL A 118 1.40 2.43 -7.94
N ALA A 119 2.34 2.78 -8.80
CA ALA A 119 2.58 4.18 -9.15
C ALA A 119 1.31 4.81 -9.71
N SER A 120 0.62 4.02 -10.53
CA SER A 120 -0.62 4.45 -11.11
C SER A 120 -1.65 4.82 -10.04
N GLY A 121 -1.86 3.92 -9.08
CA GLY A 121 -2.78 4.17 -7.98
C GLY A 121 -2.36 5.36 -7.13
N MET A 122 -1.07 5.46 -6.83
CA MET A 122 -0.58 6.62 -6.11
C MET A 122 -0.77 7.96 -6.85
N ALA A 123 -0.63 7.91 -8.17
CA ALA A 123 -0.78 9.08 -9.01
C ALA A 123 -2.20 9.61 -8.95
N TYR A 124 -3.15 8.69 -9.00
CA TYR A 124 -4.53 9.03 -8.80
C TYR A 124 -4.77 9.67 -7.44
N LEU A 125 -4.30 9.04 -6.37
CA LEU A 125 -4.35 9.65 -5.03
C LEU A 125 -3.79 11.05 -4.97
N GLU A 126 -2.55 11.18 -5.43
CA GLU A 126 -1.90 12.49 -5.58
C GLU A 126 -2.88 13.42 -6.28
N SER A 127 -3.39 13.04 -7.45
CA SER A 127 -4.24 13.93 -8.22
C SER A 127 -5.49 14.34 -7.42
N GLN A 128 -6.01 13.46 -6.58
CA GLN A 128 -7.21 13.78 -5.79
C GLN A 128 -6.88 14.50 -4.48
N ASN A 129 -5.64 14.93 -4.34
CA ASN A 129 -5.11 15.58 -3.14
C ASN A 129 -5.19 14.77 -1.87
N PHE A 130 -4.82 13.49 -1.97
CA PHE A 130 -4.61 12.68 -0.80
C PHE A 130 -3.14 12.26 -0.73
N ILE A 131 -2.76 11.80 0.46
CA ILE A 131 -1.45 11.23 0.81
C ILE A 131 -1.77 9.85 1.39
N HIS A 132 -0.82 8.94 1.30
CA HIS A 132 -0.99 7.61 1.84
C HIS A 132 -0.53 7.57 3.29
N ARG A 133 0.75 7.89 3.49
CA ARG A 133 1.41 8.03 4.79
C ARG A 133 2.01 6.69 5.31
N ASP A 134 1.70 5.58 4.64
CA ASP A 134 2.12 4.24 5.10
C ASP A 134 2.33 3.28 3.92
N LEU A 135 2.84 3.82 2.82
CA LEU A 135 3.05 3.00 1.61
C LEU A 135 4.17 1.97 1.83
N ALA A 136 3.94 0.72 1.42
CA ALA A 136 4.85 -0.40 1.69
C ALA A 136 4.27 -1.63 1.01
N ALA A 137 5.10 -2.59 0.61
CA ALA A 137 4.59 -3.79 -0.09
C ALA A 137 3.54 -4.59 0.71
N ARG A 138 3.67 -4.58 2.05
CA ARG A 138 2.65 -5.22 2.93
C ARG A 138 1.24 -4.63 2.77
N ASN A 139 1.18 -3.40 2.28
CA ASN A 139 -0.08 -2.65 2.12
C ASN A 139 -0.66 -2.67 0.69
N CYS A 140 -0.04 -3.40 -0.22
CA CYS A 140 -0.55 -3.60 -1.58
C CYS A 140 -1.03 -5.04 -1.73
N LEU A 141 -2.06 -5.24 -2.55
CA LEU A 141 -2.70 -6.55 -2.71
C LEU A 141 -2.64 -7.09 -4.15
N VAL A 142 -2.55 -8.41 -4.29
CA VAL A 142 -2.46 -8.99 -5.60
C VAL A 142 -3.70 -9.85 -5.91
N GLY A 143 -4.27 -9.64 -7.10
CA GLY A 143 -5.33 -10.52 -7.64
C GLY A 143 -4.88 -11.35 -8.84
N GLU A 144 -5.84 -11.75 -9.67
CA GLU A 144 -5.53 -12.55 -10.87
C GLU A 144 -4.92 -11.70 -11.96
N ASN A 145 -4.19 -12.34 -12.86
CA ASN A 145 -3.60 -11.67 -14.03
C ASN A 145 -2.61 -10.62 -13.55
N ASN A 146 -1.92 -10.90 -12.45
CA ASN A 146 -0.89 -9.99 -11.93
C ASN A 146 -1.41 -8.58 -11.64
N VAL A 147 -2.70 -8.45 -11.33
CA VAL A 147 -3.30 -7.14 -10.98
C VAL A 147 -2.84 -6.76 -9.58
N VAL A 148 -2.38 -5.53 -9.41
CA VAL A 148 -1.93 -5.04 -8.09
C VAL A 148 -2.73 -3.82 -7.69
N LYS A 149 -3.13 -3.76 -6.43
CA LYS A 149 -3.89 -2.66 -5.90
C LYS A 149 -3.31 -2.15 -4.57
N VAL A 150 -3.29 -0.82 -4.43
CA VAL A 150 -2.84 -0.17 -3.23
C VAL A 150 -3.97 -0.15 -2.22
N ALA A 151 -3.67 -0.53 -0.98
CA ALA A 151 -4.61 -0.47 0.11
C ALA A 151 -3.91 0.20 1.30
N ASP A 152 -4.64 0.35 2.39
CA ASP A 152 -4.12 0.94 3.65
C ASP A 152 -4.70 0.20 4.86
N PHE A 153 -3.90 -0.68 5.46
CA PHE A 153 -4.37 -1.44 6.61
C PHE A 153 -4.05 -0.72 7.93
N GLY A 154 -2.77 -0.62 8.29
CA GLY A 154 -2.38 -0.01 9.58
N PHE A 172 8.30 4.80 13.58
CA PHE A 172 7.85 3.58 12.90
C PHE A 172 6.90 3.88 11.71
N PRO A 173 7.01 3.10 10.60
CA PRO A 173 8.06 2.12 10.27
C PRO A 173 9.23 2.89 9.71
N ILE A 174 10.30 2.96 10.49
CA ILE A 174 11.47 3.79 10.19
C ILE A 174 12.02 3.58 8.80
N LYS A 175 12.16 2.32 8.41
CA LYS A 175 12.85 1.91 7.14
C LYS A 175 12.11 2.29 5.84
N TRP A 176 10.84 2.68 5.95
CA TRP A 176 10.05 3.20 4.81
C TRP A 176 9.83 4.71 4.87
N THR A 177 10.26 5.35 5.97
CA THR A 177 9.90 6.73 6.25
C THR A 177 11.03 7.70 5.90
N ALA A 178 10.70 8.69 5.07
CA ALA A 178 11.66 9.67 4.59
C ALA A 178 12.23 10.47 5.73
N PRO A 179 13.50 10.88 5.64
CA PRO A 179 14.20 11.66 6.69
C PRO A 179 13.47 12.86 7.31
N GLU A 180 12.89 13.72 6.48
CA GLU A 180 12.13 14.88 6.95
C GLU A 180 10.87 14.46 7.69
N ALA A 181 10.39 13.28 7.39
CA ALA A 181 9.21 12.77 8.08
C ALA A 181 9.61 12.26 9.43
N ILE A 182 10.74 11.56 9.50
CA ILE A 182 11.23 11.12 10.80
C ILE A 182 11.61 12.33 11.67
N SER A 183 12.30 13.30 11.09
CA SER A 183 12.88 14.40 11.87
C SER A 183 11.87 15.51 12.24
N TYR A 184 11.00 15.90 11.31
CA TYR A 184 10.11 17.06 11.49
C TYR A 184 8.64 16.68 11.48
N ASN A 185 8.33 15.39 11.42
CA ASN A 185 6.96 14.94 11.20
C ASN A 185 6.33 15.58 9.93
N ARG A 186 7.17 15.81 8.94
CA ARG A 186 6.77 16.43 7.70
C ARG A 186 6.41 15.35 6.67
N PHE A 187 5.19 14.84 6.77
CA PHE A 187 4.68 13.89 5.80
C PHE A 187 4.03 14.61 4.65
N SER A 188 4.19 14.07 3.47
CA SER A 188 3.68 14.70 2.27
C SER A 188 3.67 13.64 1.20
N ILE A 189 3.25 14.04 0.01
CA ILE A 189 3.23 13.14 -1.11
C ILE A 189 4.65 12.80 -1.51
N LYS A 190 5.60 13.66 -1.16
CA LYS A 190 7.02 13.39 -1.46
C LYS A 190 7.61 12.45 -0.46
N SER A 191 7.12 12.44 0.76
CA SER A 191 7.54 11.40 1.67
C SER A 191 6.95 10.05 1.17
N ASP A 192 5.78 10.08 0.53
CA ASP A 192 5.26 8.85 -0.12
C ASP A 192 6.15 8.34 -1.27
N VAL A 193 6.74 9.26 -2.02
CA VAL A 193 7.61 8.93 -3.11
C VAL A 193 8.86 8.25 -2.58
N TRP A 194 9.37 8.73 -1.45
CA TRP A 194 10.43 8.04 -0.75
C TRP A 194 10.08 6.58 -0.47
N ALA A 195 8.92 6.36 0.15
CA ALA A 195 8.46 5.01 0.49
C ALA A 195 8.26 4.11 -0.76
N PHE A 196 7.88 4.71 -1.88
CA PHE A 196 7.73 3.97 -3.11
C PHE A 196 9.11 3.51 -3.62
N GLY A 197 10.16 4.28 -3.34
CA GLY A 197 11.50 3.84 -3.68
C GLY A 197 11.85 2.57 -2.91
N ILE A 198 11.52 2.56 -1.62
CA ILE A 198 11.77 1.40 -0.76
C ILE A 198 10.95 0.19 -1.26
N LEU A 199 9.68 0.44 -1.59
CA LEU A 199 8.80 -0.59 -2.15
C LEU A 199 9.29 -1.19 -3.44
N LEU A 200 9.83 -0.33 -4.30
CA LEU A 200 10.50 -0.76 -5.51
C LEU A 200 11.63 -1.72 -5.19
N TRP A 201 12.37 -1.41 -4.11
CA TRP A 201 13.49 -2.27 -3.67
C TRP A 201 12.98 -3.65 -3.15
N GLU A 202 11.91 -3.63 -2.35
CA GLU A 202 11.27 -4.87 -1.88
C GLU A 202 10.80 -5.71 -3.07
N ILE A 203 10.24 -5.08 -4.08
CA ILE A 203 9.77 -5.78 -5.30
C ILE A 203 10.92 -6.50 -6.00
N PHE A 204 11.99 -5.74 -6.26
CA PHE A 204 13.12 -6.28 -6.99
C PHE A 204 14.06 -7.12 -6.16
N THR A 205 13.78 -7.29 -4.86
CA THR A 205 14.49 -8.27 -4.01
C THR A 205 13.63 -9.46 -3.68
N TYR A 206 12.42 -9.52 -4.24
CA TYR A 206 11.45 -10.57 -3.89
C TYR A 206 11.08 -10.57 -2.41
N GLY A 207 10.95 -9.37 -1.87
CA GLY A 207 10.35 -9.18 -0.55
C GLY A 207 11.30 -9.29 0.63
N GLN A 208 12.57 -9.01 0.43
CA GLN A 208 13.47 -8.94 1.56
C GLN A 208 13.18 -7.73 2.44
N VAL A 209 13.54 -7.86 3.72
CA VAL A 209 13.44 -6.75 4.66
C VAL A 209 14.52 -5.73 4.33
N PRO A 210 14.12 -4.47 4.23
CA PRO A 210 15.12 -3.49 3.82
C PRO A 210 16.18 -3.20 4.92
N TYR A 211 17.26 -2.53 4.48
CA TYR A 211 18.44 -2.25 5.30
C TYR A 211 18.84 -3.44 6.16
N PRO A 212 19.13 -4.58 5.52
CA PRO A 212 19.37 -5.88 6.18
C PRO A 212 20.38 -5.81 7.35
N GLY A 213 20.00 -6.37 8.50
CA GLY A 213 20.86 -6.30 9.69
C GLY A 213 20.77 -5.01 10.49
N MET A 214 20.61 -3.87 9.80
CA MET A 214 20.63 -2.55 10.49
C MET A 214 19.38 -2.35 11.38
N SER A 215 19.61 -1.77 12.55
CA SER A 215 18.55 -1.34 13.42
C SER A 215 18.05 0.03 12.97
N GLY A 216 16.96 0.48 13.60
CA GLY A 216 16.27 1.70 13.22
C GLY A 216 17.07 2.98 13.41
N SER A 217 17.68 3.09 14.57
CA SER A 217 18.54 4.24 14.89
C SER A 217 19.74 4.29 13.94
N GLU A 218 20.31 3.12 13.60
CA GLU A 218 21.39 3.05 12.60
C GLU A 218 20.86 3.48 11.26
N VAL A 219 19.69 2.99 10.89
CA VAL A 219 19.09 3.40 9.62
C VAL A 219 18.91 4.92 9.60
N ILE A 220 18.28 5.48 10.63
CA ILE A 220 18.04 6.95 10.69
C ILE A 220 19.33 7.76 10.53
N GLU A 221 20.37 7.32 11.24
CA GLU A 221 21.71 7.95 11.19
C GLU A 221 22.42 7.84 9.84
N GLN A 222 22.54 6.61 9.34
CA GLN A 222 23.21 6.36 8.07
C GLN A 222 22.53 7.11 6.95
N VAL A 223 21.22 7.01 6.89
CA VAL A 223 20.44 7.66 5.82
C VAL A 223 20.68 9.18 5.80
N GLU A 224 20.64 9.78 6.99
CA GLU A 224 20.99 11.19 7.20
C GLU A 224 22.35 11.58 6.64
N ARG A 225 23.34 10.73 6.87
CA ARG A 225 24.67 10.99 6.33
C ARG A 225 24.82 10.67 4.83
N GLY A 226 23.73 10.30 4.14
CA GLY A 226 23.77 10.04 2.70
C GLY A 226 23.75 8.58 2.23
N TYR A 227 23.79 7.64 3.16
CA TYR A 227 23.73 6.22 2.83
C TYR A 227 22.44 5.89 2.07
N ARG A 228 22.56 5.06 1.03
CA ARG A 228 21.44 4.46 0.28
C ARG A 228 21.66 2.96 0.13
N MET A 229 20.60 2.16 0.08
CA MET A 229 20.77 0.73 -0.12
C MET A 229 21.42 0.53 -1.47
N PRO A 230 22.32 -0.45 -1.57
CA PRO A 230 22.94 -0.68 -2.88
C PRO A 230 21.98 -1.36 -3.86
N ARG A 231 22.35 -1.44 -5.12
CA ARG A 231 21.51 -2.05 -6.14
C ARG A 231 21.31 -3.55 -5.86
N PRO A 232 20.05 -4.03 -5.87
CA PRO A 232 19.85 -5.45 -5.60
C PRO A 232 20.41 -6.28 -6.76
N GLN A 233 20.70 -7.53 -6.45
CA GLN A 233 21.21 -8.48 -7.45
C GLN A 233 20.22 -8.63 -8.62
N GLY A 234 20.71 -8.48 -9.84
CA GLY A 234 19.88 -8.65 -11.01
C GLY A 234 18.97 -7.47 -11.31
N CYS A 235 18.89 -6.48 -10.42
CA CYS A 235 18.02 -5.34 -10.68
C CYS A 235 18.66 -4.49 -11.77
N PRO A 236 17.89 -4.20 -12.84
CA PRO A 236 18.24 -3.23 -13.89
C PRO A 236 18.69 -1.87 -13.36
N GLU A 237 19.84 -1.39 -13.85
CA GLU A 237 20.41 -0.09 -13.46
C GLU A 237 19.41 1.06 -13.60
N GLU A 238 18.57 0.94 -14.63
CA GLU A 238 17.55 1.94 -14.94
C GLU A 238 16.50 1.98 -13.83
N ILE A 239 16.17 0.80 -13.31
CA ILE A 239 15.25 0.69 -12.19
C ILE A 239 15.92 1.26 -10.94
N TYR A 240 17.15 0.82 -10.67
CA TYR A 240 17.91 1.34 -9.51
C TYR A 240 18.02 2.85 -9.54
N GLU A 241 18.20 3.43 -10.73
CA GLU A 241 18.34 4.90 -10.90
C GLU A 241 17.06 5.64 -10.46
N LEU A 242 15.92 5.05 -10.78
CA LEU A 242 14.62 5.58 -10.30
C LEU A 242 14.50 5.52 -8.76
N MET A 243 14.96 4.43 -8.13
CA MET A 243 14.98 4.34 -6.66
C MET A 243 15.81 5.47 -6.05
N LEU A 244 16.96 5.79 -6.64
CA LEU A 244 17.80 6.88 -6.16
C LEU A 244 17.15 8.24 -6.30
N GLN A 245 16.37 8.43 -7.36
CA GLN A 245 15.65 9.67 -7.53
C GLN A 245 14.57 9.79 -6.45
N CYS A 246 13.94 8.65 -6.11
CA CYS A 246 12.92 8.63 -5.07
C CYS A 246 13.50 8.99 -3.73
N TRP A 247 14.77 8.65 -3.55
CA TRP A 247 15.44 8.87 -2.29
C TRP A 247 16.28 10.13 -2.22
N ASN A 248 16.02 11.10 -3.07
CA ASN A 248 16.70 12.37 -2.93
C ASN A 248 16.48 12.98 -1.55
N LYS A 249 17.54 13.55 -0.99
CA LYS A 249 17.48 14.11 0.37
C LYS A 249 16.52 15.28 0.43
N SER A 250 16.45 16.03 -0.66
CA SER A 250 15.50 17.13 -0.76
C SER A 250 14.15 16.65 -1.35
N PRO A 251 13.04 16.85 -0.61
CA PRO A 251 11.72 16.42 -1.08
C PRO A 251 11.25 17.04 -2.40
N GLU A 252 11.51 18.33 -2.61
CA GLU A 252 11.09 18.99 -3.85
C GLU A 252 11.82 18.46 -5.08
N GLU A 253 12.92 17.74 -4.89
CA GLU A 253 13.65 17.17 -6.01
C GLU A 253 13.25 15.72 -6.33
N ARG A 254 12.41 15.09 -5.50
CA ARG A 254 11.94 13.74 -5.80
C ARG A 254 10.94 13.86 -6.95
N PRO A 255 10.83 12.79 -7.76
CA PRO A 255 9.88 12.83 -8.86
C PRO A 255 8.43 12.81 -8.34
N THR A 256 7.48 13.29 -9.14
CA THR A 256 6.07 13.11 -8.80
C THR A 256 5.68 11.68 -9.16
N PHE A 257 4.57 11.23 -8.61
CA PHE A 257 4.05 9.91 -8.98
C PHE A 257 3.70 9.80 -10.47
N ALA A 258 3.12 10.84 -11.06
CA ALA A 258 2.93 10.90 -12.51
C ALA A 258 4.23 10.68 -13.30
N GLU A 259 5.25 11.48 -12.97
CA GLU A 259 6.60 11.34 -13.58
C GLU A 259 7.11 9.94 -13.41
N THR A 260 6.94 9.43 -12.19
CA THR A 260 7.36 8.08 -11.87
C THR A 260 6.75 6.99 -12.75
N LEU A 261 5.44 7.04 -12.99
CA LEU A 261 4.78 6.13 -13.93
C LEU A 261 5.33 6.23 -15.36
N HIS A 262 5.53 7.43 -15.88
CA HIS A 262 6.04 7.54 -17.26
C HIS A 262 7.42 6.89 -17.35
N ALA A 263 8.25 7.17 -16.36
CA ALA A 263 9.57 6.55 -16.28
C ALA A 263 9.53 5.03 -16.36
N LEU A 264 8.61 4.42 -15.60
CA LEU A 264 8.45 2.95 -15.59
C LEU A 264 7.95 2.39 -16.90
N GLU A 265 7.00 3.08 -17.53
CA GLU A 265 6.48 2.64 -18.82
C GLU A 265 7.53 2.77 -19.93
N THR A 266 8.45 3.71 -19.78
CA THR A 266 9.48 3.95 -20.81
C THR A 266 10.82 3.27 -20.50
N MET A 267 10.78 2.16 -19.79
CA MET A 267 11.93 1.26 -19.67
C MET A 267 11.66 -0.02 -20.45
N PHE A 268 12.64 -0.48 -21.23
CA PHE A 268 12.40 -1.50 -22.25
C PHE A 268 13.36 -2.69 -22.08
N LEU A 269 12.97 -3.89 -22.55
CA LEU A 269 13.90 -5.04 -22.81
C LEU A 269 13.23 -6.43 -22.75
C1 STI B . -6.12 -10.34 1.68
C6 STI B . -6.33 -9.21 2.44
C5 STI B . -7.23 -8.23 2.03
C4 STI B . -7.93 -8.44 0.84
N3 STI B . -7.70 -9.56 0.09
C2 STI B . -6.82 -10.50 0.49
C7 STI B . -7.51 -7.01 2.86
C12 STI B . -6.93 -6.75 4.10
C11 STI B . -7.28 -5.61 4.80
N10 STI B . -8.19 -4.74 4.34
C9 STI B . -8.74 -5.00 3.16
N8 STI B . -8.40 -6.10 2.45
N13 STI B . -9.62 -4.27 2.49
C14 STI B . -10.08 -3.09 2.99
C19 STI B . -11.08 -3.11 4.08
C18 STI B . -11.40 -1.93 4.74
C17 STI B . -10.76 -0.76 4.41
C16 STI B . -9.77 -0.71 3.41
C15 STI B . -9.42 -1.89 2.71
N21 STI B . -9.20 0.51 3.21
C22 STI B . -8.21 0.85 2.35
C23 STI B . -7.90 2.32 2.11
C25 STI B . -8.41 3.31 2.92
C26 STI B . -8.12 4.64 2.64
C27 STI B . -7.32 4.99 1.56
C28 STI B . -6.81 3.98 0.74
C29 STI B . -7.12 2.66 1.01
C46 STI B . -7.03 6.43 1.26
N48 STI B . -5.90 7.11 1.98
C53 STI B . -6.10 8.59 1.94
C52 STI B . -5.72 9.41 3.19
N51 STI B . -4.86 8.71 4.20
C54 STI B . -3.81 9.57 4.79
C50 STI B . -4.38 7.37 3.80
C49 STI B . -5.57 6.58 3.32
O29 STI B . -7.55 0.08 1.69
C20 STI B . -11.78 -4.40 4.42
#